data_5Z4A
#
_entry.id   5Z4A
#
_cell.length_a   61.717
_cell.length_b   84.944
_cell.length_c   148.262
_cell.angle_alpha   90.000
_cell.angle_beta   90.000
_cell.angle_gamma   90.000
#
_symmetry.space_group_name_H-M   'C 2 2 21'
#
loop_
_entity.id
_entity.type
_entity.pdbx_description
1 polymer "RNA (5'-R(*AP*GP*U)-3')"
2 polymer 'Terminal uridylyltransferase Tailor'
3 water water
#
loop_
_entity_poly.entity_id
_entity_poly.type
_entity_poly.pdbx_seq_one_letter_code
_entity_poly.pdbx_strand_id
1 'polyribonucleotide' AGU B
2 'polypeptide(L)'
;HMQHITVRLPKKARAMIVGEITNVFKDKYPIADKLKVIPEYDVIEQDLCKLLSPGFPKQPLRVYKFGSRITGIGNRSSDL
DLFVDIGNTFHTFEHRASNATVAKLRAMRKFFCDSEDWRLINFIEQARVPIIKTCHLPTGIECDICLNSMGFCNTNLLKY
IFESQPLTQYMCIYVKNWLERCKLTEQISTYSITLMVIYFLQLQALLPPIAMLQIEDAANQAVLVGPWVVNFAQKSFSEL
GLQQLKATVPVIKGFLRNFFAYFAKFDYEHFLVCPYIGQANVEIAKIERMLHARYSAYVSDNPECSIQLKKPMVVQDPIQ
LNHNVTKAVTKYGLQTFVDYCQQTAELLEEP
;
A
#
loop_
_chem_comp.id
_chem_comp.type
_chem_comp.name
_chem_comp.formula
A RNA linking ADENOSINE-5'-MONOPHOSPHATE 'C10 H14 N5 O7 P'
G RNA linking GUANOSINE-5'-MONOPHOSPHATE 'C10 H14 N5 O8 P'
U RNA linking URIDINE-5'-MONOPHOSPHATE 'C9 H13 N2 O9 P'
#
# COMPACT_ATOMS: atom_id res chain seq x y z
N HIS B 1 -24.38 6.48 13.05
CA HIS B 1 -25.29 7.50 12.55
C HIS B 1 -26.33 6.94 11.60
N MET B 2 -27.61 7.08 11.92
CA MET B 2 -28.66 6.40 11.19
C MET B 2 -28.18 5.02 10.78
N GLN B 3 -27.70 4.27 11.77
CA GLN B 3 -27.16 2.94 11.53
C GLN B 3 -28.19 1.96 10.98
N HIS B 4 -29.46 2.33 11.00
CA HIS B 4 -30.54 1.48 10.51
C HIS B 4 -30.84 1.72 9.03
N ILE B 5 -30.17 2.68 8.39
CA ILE B 5 -30.38 3.01 6.99
C ILE B 5 -29.04 2.84 6.26
N THR B 6 -29.09 2.19 5.11
CA THR B 6 -27.89 1.98 4.31
C THR B 6 -27.43 3.31 3.70
N VAL B 7 -26.11 3.54 3.70
CA VAL B 7 -25.54 4.69 3.00
C VAL B 7 -25.57 4.36 1.51
N ARG B 8 -26.20 5.24 0.71
CA ARG B 8 -26.43 4.92 -0.70
C ARG B 8 -25.15 5.06 -1.51
N LEU B 9 -24.91 4.07 -2.33
CA LEU B 9 -23.73 4.06 -3.19
C LEU B 9 -23.77 5.29 -4.09
N PRO B 10 -22.68 6.05 -4.21
CA PRO B 10 -22.72 7.25 -5.04
C PRO B 10 -22.94 6.92 -6.49
N LYS B 11 -23.64 7.82 -7.19
CA LYS B 11 -24.00 7.55 -8.57
C LYS B 11 -22.76 7.42 -9.45
N LYS B 12 -21.70 8.17 -9.15
CA LYS B 12 -20.49 8.08 -9.96
C LYS B 12 -19.89 6.68 -9.89
N ALA B 13 -19.99 6.02 -8.74
CA ALA B 13 -19.58 4.64 -8.62
C ALA B 13 -20.56 3.70 -9.31
N ARG B 14 -21.85 3.88 -9.04
CA ARG B 14 -22.86 3.00 -9.61
C ARG B 14 -22.73 2.90 -11.13
N ALA B 15 -22.48 4.03 -11.81
CA ALA B 15 -22.42 3.98 -13.26
C ALA B 15 -21.24 3.12 -13.75
N MET B 16 -20.13 3.13 -13.00
CA MET B 16 -18.93 2.36 -13.37
C MET B 16 -19.16 0.88 -13.16
N ILE B 17 -19.86 0.54 -12.09
CA ILE B 17 -20.04 -0.85 -11.70
C ILE B 17 -20.98 -1.54 -12.67
N VAL B 18 -22.14 -0.92 -12.94
CA VAL B 18 -23.11 -1.52 -13.87
C VAL B 18 -22.61 -1.47 -15.31
N GLY B 19 -21.64 -0.60 -15.61
CA GLY B 19 -21.02 -0.61 -16.92
C GLY B 19 -20.01 -1.73 -17.07
N GLU B 20 -19.88 -2.21 -18.31
CA GLU B 20 -19.04 -3.36 -18.62
C GLU B 20 -17.68 -3.25 -17.94
N ILE B 21 -17.23 -4.36 -17.37
CA ILE B 21 -15.90 -4.42 -16.78
C ILE B 21 -14.85 -4.07 -17.83
N THR B 22 -15.10 -4.39 -19.10
CA THR B 22 -14.11 -4.12 -20.14
C THR B 22 -13.70 -2.65 -20.14
N ASN B 23 -14.69 -1.75 -20.22
CA ASN B 23 -14.43 -0.32 -20.26
C ASN B 23 -13.62 0.15 -19.06
N VAL B 24 -13.65 -0.60 -17.95
CA VAL B 24 -12.83 -0.22 -16.82
C VAL B 24 -11.36 -0.31 -17.18
N PHE B 25 -10.97 -1.41 -17.81
CA PHE B 25 -9.59 -1.77 -18.02
C PHE B 25 -9.08 -1.43 -19.40
N LYS B 26 -9.96 -1.22 -20.39
CA LYS B 26 -9.51 -1.15 -21.77
C LYS B 26 -8.33 -0.20 -21.91
N ASP B 27 -8.44 0.98 -21.32
CA ASP B 27 -7.32 1.90 -21.24
C ASP B 27 -6.49 1.71 -19.97
N LYS B 28 -7.13 1.44 -18.84
CA LYS B 28 -6.43 1.61 -17.55
C LYS B 28 -5.33 0.58 -17.34
N TYR B 29 -5.55 -0.68 -17.70
CA TYR B 29 -4.50 -1.66 -17.45
C TYR B 29 -3.28 -1.40 -18.32
N PRO B 30 -3.42 -1.23 -19.64
CA PRO B 30 -2.20 -0.97 -20.43
C PRO B 30 -1.46 0.27 -19.97
N ILE B 31 -2.17 1.31 -19.57
CA ILE B 31 -1.53 2.52 -19.06
C ILE B 31 -0.77 2.20 -17.79
N ALA B 32 -1.41 1.50 -16.84
CA ALA B 32 -0.76 1.19 -15.57
C ALA B 32 0.49 0.34 -15.77
N ASP B 33 0.42 -0.63 -16.69
CA ASP B 33 1.57 -1.46 -16.98
C ASP B 33 2.72 -0.63 -17.53
N LYS B 34 2.40 0.25 -18.49
CA LYS B 34 3.43 1.06 -19.12
C LYS B 34 4.10 1.96 -18.11
N LEU B 35 3.34 2.46 -17.14
CA LEU B 35 3.89 3.42 -16.18
C LEU B 35 4.74 2.78 -15.10
N LYS B 36 4.90 1.45 -15.10
CA LYS B 36 5.88 0.85 -14.21
C LYS B 36 7.29 1.34 -14.50
N VAL B 37 7.58 1.64 -15.75
CA VAL B 37 8.93 2.05 -16.19
C VAL B 37 8.77 2.99 -17.36
N ILE B 38 9.14 4.25 -17.16
CA ILE B 38 9.25 5.21 -18.26
C ILE B 38 10.50 6.06 -18.03
N PRO B 39 11.07 6.59 -19.11
CA PRO B 39 12.35 7.32 -18.94
C PRO B 39 12.22 8.55 -18.09
N GLU B 40 11.02 9.14 -17.99
CA GLU B 40 10.83 10.28 -17.09
C GLU B 40 11.36 10.00 -15.68
N TYR B 41 11.24 8.77 -15.22
CA TYR B 41 11.63 8.50 -13.83
C TYR B 41 13.13 8.61 -13.66
N ASP B 42 13.89 8.23 -14.69
CA ASP B 42 15.34 8.37 -14.59
C ASP B 42 15.74 9.84 -14.56
N VAL B 43 15.03 10.68 -15.30
CA VAL B 43 15.29 12.12 -15.25
C VAL B 43 15.02 12.65 -13.85
N ILE B 44 13.89 12.26 -13.27
CA ILE B 44 13.56 12.70 -11.92
C ILE B 44 14.65 12.26 -10.95
N GLU B 45 15.04 10.99 -10.99
CA GLU B 45 16.01 10.57 -9.98
C GLU B 45 17.38 11.20 -10.23
N GLN B 46 17.78 11.39 -11.48
CA GLN B 46 19.04 12.08 -11.73
C GLN B 46 18.98 13.53 -11.24
N ASP B 47 17.85 14.22 -11.50
CA ASP B 47 17.72 15.61 -11.06
C ASP B 47 17.70 15.71 -9.54
N LEU B 48 17.14 14.71 -8.86
CA LEU B 48 17.07 14.76 -7.40
C LEU B 48 18.46 14.60 -6.79
N CYS B 49 19.25 13.68 -7.34
CA CYS B 49 20.62 13.52 -6.85
C CYS B 49 21.43 14.79 -7.07
N LYS B 50 21.32 15.36 -8.27
CA LYS B 50 22.11 16.56 -8.57
C LYS B 50 21.69 17.72 -7.67
N LEU B 51 20.38 17.81 -7.38
CA LEU B 51 19.87 18.87 -6.50
C LEU B 51 20.41 18.74 -5.09
N LEU B 52 20.30 17.53 -4.51
CA LEU B 52 20.49 17.39 -3.07
C LEU B 52 21.90 17.02 -2.67
N SER B 53 22.69 16.40 -3.55
CA SER B 53 24.02 15.95 -3.14
C SER B 53 24.86 17.09 -2.59
N PRO B 54 25.00 18.23 -3.28
CA PRO B 54 25.77 19.34 -2.69
C PRO B 54 25.34 19.73 -1.29
N GLY B 55 24.08 19.51 -0.92
CA GLY B 55 23.59 19.82 0.41
C GLY B 55 24.03 18.85 1.48
N PHE B 56 24.60 17.71 1.07
CA PHE B 56 24.98 16.62 1.97
C PHE B 56 26.30 16.08 1.46
N PRO B 57 27.32 16.93 1.35
CA PRO B 57 28.57 16.48 0.73
C PRO B 57 29.23 15.40 1.57
N LYS B 58 29.89 14.47 0.88
CA LYS B 58 30.64 13.40 1.54
C LYS B 58 29.73 12.30 2.09
N GLN B 59 28.32 12.52 2.09
CA GLN B 59 27.44 11.42 2.44
C GLN B 59 26.95 10.71 1.20
N PRO B 60 26.82 9.38 1.21
CA PRO B 60 26.22 8.70 0.06
C PRO B 60 24.75 9.08 -0.08
N LEU B 61 24.27 9.00 -1.32
CA LEU B 61 22.88 9.37 -1.62
C LEU B 61 22.34 8.44 -2.70
N ARG B 62 21.23 7.76 -2.39
CA ARG B 62 20.55 6.84 -3.29
C ARG B 62 19.07 7.17 -3.28
N VAL B 63 18.44 7.07 -4.45
CA VAL B 63 17.01 7.38 -4.60
C VAL B 63 16.28 6.08 -4.90
N TYR B 64 15.19 5.83 -4.19
CA TYR B 64 14.39 4.63 -4.34
C TYR B 64 12.98 5.05 -4.74
N LYS B 65 12.54 4.63 -5.91
CA LYS B 65 11.18 4.95 -6.38
C LYS B 65 10.18 3.92 -5.91
N PHE B 66 8.98 4.37 -5.54
CA PHE B 66 7.96 3.43 -5.10
C PHE B 66 6.57 4.01 -5.32
N GLY B 67 5.55 3.25 -4.92
CA GLY B 67 4.18 3.68 -5.01
C GLY B 67 3.47 3.08 -6.21
N SER B 68 2.28 3.60 -6.48
N SER B 68 2.28 3.60 -6.47
CA SER B 68 1.38 2.96 -7.43
CA SER B 68 1.36 2.98 -7.42
C SER B 68 1.91 2.94 -8.85
C SER B 68 1.96 2.91 -8.83
N ARG B 69 2.68 3.95 -9.27
CA ARG B 69 3.27 3.90 -10.60
C ARG B 69 4.16 2.67 -10.73
N ILE B 70 4.98 2.47 -9.71
CA ILE B 70 6.04 1.47 -9.74
C ILE B 70 5.46 0.07 -9.62
N THR B 71 4.37 -0.10 -8.86
CA THR B 71 3.77 -1.43 -8.72
C THR B 71 2.89 -1.81 -9.90
N GLY B 72 2.38 -0.84 -10.65
CA GLY B 72 1.57 -1.14 -11.81
C GLY B 72 0.09 -0.86 -11.64
N ILE B 73 -0.28 0.09 -10.77
CA ILE B 73 -1.68 0.44 -10.67
C ILE B 73 -1.90 1.94 -10.81
N GLY B 74 -0.92 2.63 -11.38
CA GLY B 74 -1.00 4.06 -11.56
C GLY B 74 -1.65 4.51 -12.86
N ASN B 75 -1.85 5.82 -12.94
CA ASN B 75 -2.35 6.47 -14.14
C ASN B 75 -1.55 7.74 -14.35
N ARG B 76 -1.84 8.46 -15.44
CA ARG B 76 -0.98 9.59 -15.78
C ARG B 76 -1.02 10.70 -14.72
N SER B 77 -2.08 10.79 -13.93
CA SER B 77 -2.15 11.81 -12.88
C SER B 77 -1.53 11.36 -11.55
N SER B 78 -1.07 10.11 -11.45
CA SER B 78 -0.48 9.60 -10.22
C SER B 78 0.81 10.33 -9.87
N ASP B 79 1.04 10.45 -8.57
CA ASP B 79 2.31 10.97 -8.13
C ASP B 79 3.35 9.86 -8.22
N LEU B 80 4.59 10.23 -7.97
CA LEU B 80 5.68 9.30 -7.86
C LEU B 80 6.26 9.46 -6.47
N ASP B 81 6.38 8.36 -5.73
CA ASP B 81 6.95 8.40 -4.39
C ASP B 81 8.43 8.06 -4.44
N LEU B 82 9.23 8.85 -3.70
CA LEU B 82 10.68 8.72 -3.71
C LEU B 82 11.20 8.72 -2.28
N PHE B 83 11.95 7.69 -1.92
CA PHE B 83 12.72 7.68 -0.69
C PHE B 83 14.13 8.10 -1.06
N VAL B 84 14.57 9.20 -0.46
CA VAL B 84 15.94 9.68 -0.60
C VAL B 84 16.74 9.17 0.59
N ASP B 85 17.69 8.26 0.33
CA ASP B 85 18.56 7.72 1.38
C ASP B 85 19.87 8.47 1.37
N ILE B 86 20.04 9.32 2.38
CA ILE B 86 21.27 10.08 2.61
C ILE B 86 21.96 9.46 3.82
N GLY B 87 23.09 8.80 3.59
CA GLY B 87 23.87 8.26 4.69
C GLY B 87 23.47 6.88 5.18
N ASN B 88 23.06 6.01 4.28
CA ASN B 88 22.75 4.61 4.60
C ASN B 88 21.78 4.49 5.77
N THR B 89 20.62 5.14 5.61
CA THR B 89 19.55 5.05 6.59
C THR B 89 18.53 3.99 6.24
N PHE B 90 18.74 3.24 5.16
CA PHE B 90 17.73 2.31 4.67
C PHE B 90 17.23 1.37 5.76
N HIS B 91 18.16 0.84 6.55
CA HIS B 91 17.82 -0.18 7.53
C HIS B 91 17.41 0.37 8.89
N THR B 92 17.15 1.69 8.98
CA THR B 92 16.75 2.33 10.23
C THR B 92 15.24 2.54 10.23
N PHE B 93 14.58 2.09 11.26
CA PHE B 93 13.14 2.28 11.42
C PHE B 93 12.86 3.34 12.48
N GLU B 94 11.95 4.26 12.15
CA GLU B 94 11.46 5.28 13.07
C GLU B 94 9.94 5.32 12.95
N HIS B 95 9.22 4.83 13.96
CA HIS B 95 7.77 4.81 13.81
C HIS B 95 7.25 6.23 13.64
N ARG B 96 7.73 7.13 14.47
CA ARG B 96 7.61 8.55 14.26
C ARG B 96 8.99 9.11 13.98
N ALA B 97 9.09 10.07 13.06
CA ALA B 97 10.39 10.58 12.66
C ALA B 97 11.18 11.16 13.82
N SER B 98 12.49 10.93 13.80
CA SER B 98 13.38 11.50 14.79
C SER B 98 13.61 12.99 14.51
N ASN B 99 14.10 13.69 15.53
CA ASN B 99 14.50 15.08 15.31
C ASN B 99 15.54 15.17 14.20
N ALA B 100 16.43 14.19 14.13
CA ALA B 100 17.45 14.20 13.09
C ALA B 100 16.83 14.08 11.71
N THR B 101 15.83 13.20 11.58
CA THR B 101 15.13 13.03 10.30
C THR B 101 14.40 14.31 9.93
N VAL B 102 13.72 14.90 10.89
CA VAL B 102 13.03 16.17 10.62
C VAL B 102 14.01 17.24 10.20
N ALA B 103 15.16 17.35 10.89
CA ALA B 103 16.13 18.36 10.51
C ALA B 103 16.62 18.14 9.08
N LYS B 104 16.78 16.87 8.69
CA LYS B 104 17.20 16.59 7.31
C LYS B 104 16.13 17.02 6.32
N LEU B 105 14.87 16.73 6.62
CA LEU B 105 13.81 17.10 5.69
C LEU B 105 13.69 18.61 5.60
N ARG B 106 13.84 19.30 6.73
CA ARG B 106 13.79 20.76 6.73
C ARG B 106 14.90 21.33 5.86
N ALA B 107 16.08 20.73 5.90
CA ALA B 107 17.18 21.22 5.09
C ALA B 107 16.89 20.99 3.60
N MET B 108 16.29 19.84 3.29
CA MET B 108 15.97 19.52 1.90
C MET B 108 14.97 20.50 1.30
N ARG B 109 14.06 21.04 2.12
CA ARG B 109 13.01 21.92 1.62
C ARG B 109 13.56 23.10 0.82
N LYS B 110 14.59 23.78 1.33
CA LYS B 110 15.07 24.98 0.65
C LYS B 110 15.65 24.66 -0.72
N PHE B 111 16.18 23.45 -0.90
CA PHE B 111 16.70 23.06 -2.21
C PHE B 111 15.60 23.01 -3.25
N PHE B 112 14.49 22.33 -2.93
CA PHE B 112 13.38 22.32 -3.86
C PHE B 112 12.86 23.73 -4.06
N CYS B 113 12.82 24.50 -2.99
CA CYS B 113 12.29 25.85 -3.08
C CYS B 113 13.16 26.72 -3.98
N ASP B 114 14.48 26.74 -3.75
CA ASP B 114 15.35 27.59 -4.55
C ASP B 114 15.47 27.12 -5.99
N SER B 115 15.38 25.80 -6.23
CA SER B 115 15.57 25.28 -7.57
C SER B 115 14.42 25.65 -8.51
N GLU B 116 14.79 26.06 -9.72
CA GLU B 116 13.82 26.36 -10.77
C GLU B 116 13.22 25.12 -11.39
N ASP B 117 13.82 23.94 -11.18
CA ASP B 117 13.32 22.68 -11.73
C ASP B 117 12.22 22.05 -10.88
N TRP B 118 11.90 22.63 -9.73
CA TRP B 118 10.98 22.01 -8.80
C TRP B 118 10.04 23.05 -8.23
N ARG B 119 8.78 22.73 -8.15
CA ARG B 119 7.80 23.58 -7.49
C ARG B 119 7.45 22.94 -6.17
N LEU B 120 7.68 23.66 -5.09
CA LEU B 120 7.34 23.12 -3.78
C LEU B 120 5.83 23.28 -3.58
N ILE B 121 5.16 22.15 -3.35
CA ILE B 121 3.72 22.11 -3.15
C ILE B 121 3.37 22.13 -1.68
N ASN B 122 4.00 21.27 -0.89
CA ASN B 122 3.73 21.30 0.54
C ASN B 122 4.93 20.71 1.26
N PHE B 123 5.03 21.08 2.54
CA PHE B 123 6.03 20.54 3.45
C PHE B 123 5.27 20.03 4.66
N ILE B 124 5.29 18.71 4.87
CA ILE B 124 4.45 18.05 5.85
C ILE B 124 5.37 17.37 6.86
N GLU B 125 5.64 18.03 7.99
CA GLU B 125 6.55 17.40 8.94
C GLU B 125 5.83 16.77 10.12
N GLN B 126 4.53 17.00 10.27
CA GLN B 126 3.80 16.45 11.41
C GLN B 126 3.25 15.05 11.17
N ALA B 127 3.28 14.56 9.93
CA ALA B 127 2.75 13.23 9.65
C ALA B 127 3.64 12.13 10.24
N ARG B 128 3.04 10.93 10.38
CA ARG B 128 3.80 9.76 10.79
C ARG B 128 5.04 9.61 9.91
N VAL B 129 4.85 9.77 8.61
CA VAL B 129 5.95 9.81 7.65
C VAL B 129 6.03 11.23 7.06
N PRO B 130 6.91 12.07 7.59
CA PRO B 130 7.06 13.42 7.02
C PRO B 130 7.49 13.34 5.56
N ILE B 131 6.91 14.25 4.75
CA ILE B 131 7.21 14.28 3.31
C ILE B 131 7.30 15.71 2.81
N ILE B 132 8.03 15.84 1.70
CA ILE B 132 8.05 17.03 0.87
C ILE B 132 7.25 16.68 -0.38
N LYS B 133 6.20 17.45 -0.67
CA LYS B 133 5.46 17.27 -1.92
C LYS B 133 5.92 18.35 -2.89
N THR B 134 6.32 17.93 -4.10
CA THR B 134 6.92 18.87 -5.04
C THR B 134 6.66 18.37 -6.45
N CYS B 135 6.49 19.31 -7.38
CA CYS B 135 6.33 18.97 -8.78
C CYS B 135 7.69 19.06 -9.47
N HIS B 136 8.07 17.98 -10.16
CA HIS B 136 9.23 18.00 -11.02
C HIS B 136 8.83 18.67 -12.32
N LEU B 137 9.28 19.91 -12.52
CA LEU B 137 8.70 20.70 -13.60
C LEU B 137 9.06 20.17 -14.98
N PRO B 138 10.27 19.63 -15.20
CA PRO B 138 10.57 19.16 -16.57
C PRO B 138 9.64 18.05 -17.03
N THR B 139 9.19 17.17 -16.13
CA THR B 139 8.24 16.12 -16.49
C THR B 139 6.80 16.42 -16.09
N GLY B 140 6.58 17.38 -15.19
CA GLY B 140 5.26 17.63 -14.67
C GLY B 140 4.74 16.65 -13.66
N ILE B 141 5.58 15.68 -13.23
CA ILE B 141 5.13 14.62 -12.32
C ILE B 141 5.27 15.11 -10.90
N GLU B 142 4.20 14.96 -10.13
CA GLU B 142 4.22 15.34 -8.72
C GLU B 142 4.93 14.24 -7.93
N CYS B 143 5.84 14.65 -7.03
CA CYS B 143 6.63 13.69 -6.26
C CYS B 143 6.43 13.89 -4.76
N ASP B 144 6.31 12.77 -4.04
CA ASP B 144 6.31 12.77 -2.58
C ASP B 144 7.68 12.25 -2.17
N ILE B 145 8.43 13.04 -1.43
CA ILE B 145 9.80 12.71 -1.05
C ILE B 145 9.81 12.40 0.43
N CYS B 146 10.29 11.20 0.80
CA CYS B 146 10.36 10.81 2.20
C CYS B 146 11.76 10.32 2.54
N LEU B 147 11.93 9.97 3.81
CA LEU B 147 13.21 9.60 4.36
C LEU B 147 13.14 8.26 5.08
N ASN B 148 12.24 7.38 4.70
CA ASN B 148 12.40 6.02 5.18
C ASN B 148 11.97 5.06 4.10
N SER B 149 12.47 3.84 4.27
CA SER B 149 12.49 2.83 3.23
C SER B 149 11.29 1.94 3.22
N MET B 150 10.34 2.09 4.14
CA MET B 150 9.31 1.05 4.27
C MET B 150 8.40 1.00 3.05
N GLY B 151 8.03 2.16 2.51
CA GLY B 151 7.18 2.17 1.31
C GLY B 151 7.83 1.49 0.12
N PHE B 152 9.13 1.74 -0.10
CA PHE B 152 9.84 1.03 -1.14
C PHE B 152 9.80 -0.47 -0.89
N CYS B 153 10.00 -0.89 0.36
CA CYS B 153 9.98 -2.32 0.64
C CYS B 153 8.61 -2.92 0.34
N ASN B 154 7.53 -2.25 0.75
CA ASN B 154 6.26 -2.89 0.45
C ASN B 154 5.91 -2.79 -1.04
N THR B 155 6.45 -1.78 -1.77
CA THR B 155 6.30 -1.73 -3.23
C THR B 155 6.92 -2.96 -3.87
N ASN B 156 8.10 -3.36 -3.41
CA ASN B 156 8.74 -4.50 -4.05
C ASN B 156 7.96 -5.79 -3.77
N LEU B 157 7.34 -5.91 -2.60
CA LEU B 157 6.48 -7.04 -2.30
C LEU B 157 5.25 -7.03 -3.19
N LEU B 158 4.59 -5.88 -3.32
CA LEU B 158 3.43 -5.81 -4.19
C LEU B 158 3.81 -6.14 -5.63
N LYS B 159 4.96 -5.65 -6.11
CA LYS B 159 5.36 -5.95 -7.48
C LYS B 159 5.51 -7.45 -7.70
N TYR B 160 6.14 -8.14 -6.75
CA TYR B 160 6.27 -9.58 -6.85
C TYR B 160 4.90 -10.24 -6.88
N ILE B 161 3.99 -9.79 -6.02
CA ILE B 161 2.64 -10.34 -5.96
C ILE B 161 1.89 -10.11 -7.26
N PHE B 162 1.94 -8.86 -7.76
CA PHE B 162 1.20 -8.52 -8.98
C PHE B 162 1.76 -9.24 -10.20
N GLU B 163 3.09 -9.32 -10.32
CA GLU B 163 3.69 -10.00 -11.45
C GLU B 163 3.42 -11.50 -11.41
N SER B 164 3.36 -12.08 -10.22
CA SER B 164 3.11 -13.51 -10.09
C SER B 164 1.66 -13.87 -10.36
N GLN B 165 0.74 -12.97 -10.01
CA GLN B 165 -0.70 -13.26 -10.00
C GLN B 165 -1.39 -12.00 -10.50
N PRO B 166 -1.34 -11.75 -11.80
CA PRO B 166 -1.85 -10.48 -12.35
C PRO B 166 -3.30 -10.16 -12.00
N LEU B 167 -4.14 -11.16 -11.74
CA LEU B 167 -5.48 -10.89 -11.24
C LEU B 167 -5.46 -9.87 -10.12
N THR B 168 -4.46 -9.98 -9.25
CA THR B 168 -4.33 -9.06 -8.11
C THR B 168 -4.21 -7.62 -8.59
N GLN B 169 -3.44 -7.41 -9.65
CA GLN B 169 -3.21 -6.08 -10.20
C GLN B 169 -4.47 -5.52 -10.81
N TYR B 170 -5.17 -6.33 -11.61
CA TYR B 170 -6.43 -5.88 -12.20
C TYR B 170 -7.41 -5.49 -11.10
N MET B 171 -7.53 -6.34 -10.08
CA MET B 171 -8.47 -6.07 -9.01
C MET B 171 -8.08 -4.77 -8.30
N CYS B 172 -6.79 -4.53 -8.12
CA CYS B 172 -6.38 -3.33 -7.41
C CYS B 172 -6.65 -2.07 -8.25
N ILE B 173 -6.46 -2.14 -9.56
CA ILE B 173 -6.83 -1.01 -10.42
C ILE B 173 -8.32 -0.74 -10.30
N TYR B 174 -9.14 -1.78 -10.31
CA TYR B 174 -10.58 -1.59 -10.17
C TYR B 174 -10.94 -0.96 -8.82
N VAL B 175 -10.46 -1.56 -7.72
CA VAL B 175 -10.90 -1.05 -6.42
C VAL B 175 -10.30 0.33 -6.13
N LYS B 176 -9.11 0.65 -6.67
CA LYS B 176 -8.59 2.02 -6.58
C LYS B 176 -9.57 3.00 -7.20
N ASN B 177 -10.05 2.70 -8.40
CA ASN B 177 -10.97 3.60 -9.09
C ASN B 177 -12.32 3.62 -8.37
N TRP B 178 -12.74 2.49 -7.84
CA TRP B 178 -13.97 2.44 -7.05
C TRP B 178 -13.89 3.35 -5.84
N LEU B 179 -12.78 3.30 -5.09
CA LEU B 179 -12.62 4.17 -3.92
C LEU B 179 -12.74 5.63 -4.31
N GLU B 180 -12.12 6.00 -5.42
CA GLU B 180 -12.18 7.38 -5.88
C GLU B 180 -13.62 7.78 -6.18
N ARG B 181 -14.34 6.94 -6.93
CA ARG B 181 -15.71 7.29 -7.32
C ARG B 181 -16.65 7.29 -6.13
N CYS B 182 -16.35 6.49 -5.12
CA CYS B 182 -17.11 6.46 -3.87
C CYS B 182 -16.73 7.59 -2.92
N LYS B 183 -15.73 8.39 -3.27
CA LYS B 183 -15.21 9.44 -2.40
C LYS B 183 -14.84 8.91 -1.01
N LEU B 184 -14.13 7.78 -0.98
CA LEU B 184 -13.68 7.17 0.26
C LEU B 184 -12.20 7.36 0.55
N THR B 185 -11.45 8.05 -0.32
CA THR B 185 -9.99 8.06 -0.19
C THR B 185 -9.52 8.82 1.04
N GLU B 186 -10.33 9.75 1.57
CA GLU B 186 -9.98 10.39 2.84
C GLU B 186 -9.74 9.35 3.93
N GLN B 187 -10.51 8.26 3.91
CA GLN B 187 -10.48 7.28 4.99
C GLN B 187 -9.75 6.00 4.62
N ILE B 188 -9.99 5.48 3.42
CA ILE B 188 -9.39 4.23 2.98
C ILE B 188 -8.53 4.53 1.77
N SER B 189 -7.23 4.29 1.91
CA SER B 189 -6.27 4.57 0.86
C SER B 189 -6.23 3.44 -0.17
N THR B 190 -5.66 3.76 -1.34
CA THR B 190 -5.35 2.74 -2.33
C THR B 190 -4.51 1.63 -1.72
N TYR B 191 -3.51 1.98 -0.91
CA TYR B 191 -2.66 0.96 -0.34
C TYR B 191 -3.44 0.06 0.61
N SER B 192 -4.31 0.63 1.45
CA SER B 192 -5.13 -0.19 2.35
C SER B 192 -5.96 -1.19 1.57
N ILE B 193 -6.62 -0.74 0.50
CA ILE B 193 -7.49 -1.70 -0.18
C ILE B 193 -6.65 -2.69 -0.98
N THR B 194 -5.41 -2.32 -1.37
CA THR B 194 -4.52 -3.29 -1.97
C THR B 194 -4.24 -4.44 -1.01
N LEU B 195 -3.98 -4.12 0.26
CA LEU B 195 -3.74 -5.18 1.25
C LEU B 195 -5.00 -6.03 1.45
N MET B 196 -6.18 -5.40 1.36
CA MET B 196 -7.44 -6.14 1.45
C MET B 196 -7.61 -7.10 0.27
N VAL B 197 -7.27 -6.68 -0.95
CA VAL B 197 -7.31 -7.58 -2.10
C VAL B 197 -6.36 -8.75 -1.89
N ILE B 198 -5.13 -8.45 -1.46
CA ILE B 198 -4.14 -9.48 -1.22
C ILE B 198 -4.66 -10.51 -0.21
N TYR B 199 -5.18 -10.02 0.93
CA TYR B 199 -5.70 -10.91 1.95
C TYR B 199 -6.82 -11.79 1.39
N PHE B 200 -7.77 -11.16 0.69
CA PHE B 200 -8.88 -11.89 0.09
C PHE B 200 -8.38 -13.01 -0.83
N LEU B 201 -7.36 -12.74 -1.65
CA LEU B 201 -6.89 -13.78 -2.55
C LEU B 201 -6.08 -14.84 -1.80
N GLN B 202 -5.40 -14.47 -0.72
CA GLN B 202 -4.76 -15.48 0.11
C GLN B 202 -5.78 -16.48 0.62
N LEU B 203 -6.96 -16.00 1.00
CA LEU B 203 -7.98 -16.90 1.50
C LEU B 203 -8.46 -17.86 0.42
N GLN B 204 -8.27 -17.51 -0.86
CA GLN B 204 -8.65 -18.36 -1.99
C GLN B 204 -7.51 -19.26 -2.44
N ALA B 205 -6.39 -19.31 -1.70
CA ALA B 205 -5.20 -20.07 -2.08
C ALA B 205 -4.58 -19.58 -3.38
N LEU B 206 -4.69 -18.28 -3.67
CA LEU B 206 -4.11 -17.71 -4.88
C LEU B 206 -2.91 -16.82 -4.61
N LEU B 207 -2.58 -16.60 -3.35
CA LEU B 207 -1.42 -15.82 -2.92
C LEU B 207 -0.89 -16.43 -1.64
N PRO B 208 0.41 -16.38 -1.42
CA PRO B 208 0.99 -16.95 -0.20
C PRO B 208 0.81 -16.01 0.97
N PRO B 209 0.73 -16.53 2.19
CA PRO B 209 0.93 -15.66 3.36
C PRO B 209 2.30 -15.03 3.29
N ILE B 210 2.41 -13.77 3.70
CA ILE B 210 3.73 -13.15 3.64
C ILE B 210 4.68 -13.82 4.63
N ALA B 211 4.17 -14.23 5.78
CA ALA B 211 5.00 -14.94 6.74
C ALA B 211 5.66 -16.18 6.13
N MET B 212 4.96 -16.85 5.20
CA MET B 212 5.52 -18.06 4.60
C MET B 212 6.69 -17.75 3.67
N LEU B 213 6.72 -16.54 3.11
CA LEU B 213 7.82 -16.09 2.29
C LEU B 213 9.03 -15.65 3.11
N GLN B 214 8.91 -15.58 4.44
CA GLN B 214 9.91 -14.97 5.32
C GLN B 214 10.43 -15.95 6.36
N ILE B 215 10.31 -17.25 6.11
CA ILE B 215 10.96 -18.24 6.95
C ILE B 215 12.45 -17.91 7.10
N GLU B 216 12.94 -17.99 8.34
CA GLU B 216 14.34 -17.69 8.64
C GLU B 216 15.02 -19.01 9.00
N ASP B 217 15.90 -19.48 8.12
CA ASP B 217 16.58 -20.76 8.31
C ASP B 217 17.98 -20.67 7.72
N ALA B 218 18.60 -21.83 7.43
CA ALA B 218 19.97 -21.81 6.93
C ALA B 218 20.06 -21.18 5.55
N ALA B 219 19.01 -21.32 4.74
CA ALA B 219 19.03 -20.82 3.38
C ALA B 219 18.56 -19.39 3.27
N ASN B 220 17.88 -18.87 4.28
CA ASN B 220 17.18 -17.59 4.17
C ASN B 220 17.34 -16.81 5.45
N GLN B 221 17.98 -15.66 5.39
N GLN B 221 18.00 -15.67 5.33
CA GLN B 221 18.03 -14.78 6.53
CA GLN B 221 18.17 -14.68 6.38
C GLN B 221 17.47 -13.40 6.17
C GLN B 221 17.25 -13.49 6.12
N ALA B 222 16.88 -12.79 7.18
CA ALA B 222 16.13 -11.55 7.04
C ALA B 222 16.98 -10.30 6.71
N VAL B 223 16.43 -9.47 5.83
CA VAL B 223 16.82 -8.06 5.71
C VAL B 223 15.95 -7.32 6.71
N LEU B 224 16.58 -6.65 7.67
CA LEU B 224 15.86 -5.99 8.74
C LEU B 224 15.93 -4.49 8.56
N VAL B 225 14.76 -3.84 8.67
CA VAL B 225 14.67 -2.40 8.84
C VAL B 225 14.11 -2.24 10.25
N GLY B 226 14.97 -1.86 11.18
CA GLY B 226 14.61 -1.99 12.57
C GLY B 226 14.17 -3.42 12.85
N PRO B 227 13.00 -3.62 13.45
CA PRO B 227 12.54 -4.97 13.77
C PRO B 227 11.82 -5.66 12.63
N TRP B 228 11.66 -5.01 11.48
CA TRP B 228 10.79 -5.51 10.42
C TRP B 228 11.59 -6.32 9.41
N VAL B 229 11.04 -7.46 9.01
CA VAL B 229 11.63 -8.26 7.95
C VAL B 229 11.05 -7.75 6.63
N VAL B 230 11.91 -7.21 5.78
CA VAL B 230 11.43 -6.48 4.61
C VAL B 230 11.69 -7.22 3.31
N ASN B 231 12.51 -8.26 3.34
CA ASN B 231 12.71 -9.10 2.18
C ASN B 231 11.79 -10.31 2.26
N PHE B 232 11.88 -11.15 1.24
CA PHE B 232 11.02 -12.30 1.13
C PHE B 232 11.61 -13.18 0.06
N ALA B 233 11.35 -14.47 0.18
CA ALA B 233 11.78 -15.43 -0.83
C ALA B 233 10.99 -15.19 -2.11
N GLN B 234 11.69 -14.93 -3.22
CA GLN B 234 11.01 -14.65 -4.49
C GLN B 234 10.79 -15.95 -5.26
N LYS B 235 10.05 -16.83 -4.62
CA LYS B 235 9.82 -18.17 -5.15
C LYS B 235 8.79 -18.10 -6.27
N SER B 236 8.96 -18.94 -7.29
CA SER B 236 7.93 -19.10 -8.30
C SER B 236 6.66 -19.64 -7.66
N PHE B 237 5.50 -19.26 -8.20
CA PHE B 237 4.28 -19.84 -7.68
C PHE B 237 4.19 -21.32 -7.97
N SER B 238 4.84 -21.77 -9.06
CA SER B 238 4.98 -23.20 -9.32
C SER B 238 5.60 -23.90 -8.12
N GLU B 239 6.69 -23.34 -7.59
CA GLU B 239 7.34 -23.92 -6.41
C GLU B 239 6.45 -23.81 -5.18
N LEU B 240 5.72 -22.70 -5.03
CA LEU B 240 4.84 -22.51 -3.88
C LEU B 240 3.61 -23.40 -3.94
N GLY B 241 3.29 -23.94 -5.10
CA GLY B 241 2.09 -24.76 -5.24
C GLY B 241 0.84 -23.97 -5.43
N LEU B 242 0.92 -22.78 -6.05
CA LEU B 242 -0.20 -21.87 -6.21
C LEU B 242 -0.48 -21.69 -7.69
N GLN B 243 -1.72 -21.86 -8.07
CA GLN B 243 -2.00 -21.71 -9.48
C GLN B 243 -1.97 -20.24 -9.88
N GLN B 244 -1.66 -20.00 -11.15
CA GLN B 244 -1.52 -18.67 -11.71
C GLN B 244 -2.57 -18.48 -12.79
N LEU B 245 -3.52 -17.61 -12.54
CA LEU B 245 -4.70 -17.45 -13.37
C LEU B 245 -4.47 -16.44 -14.48
N LYS B 246 -5.16 -16.64 -15.59
CA LYS B 246 -5.24 -15.58 -16.60
C LYS B 246 -6.43 -14.71 -16.27
N ALA B 247 -6.18 -13.41 -16.12
CA ALA B 247 -7.23 -12.46 -15.77
C ALA B 247 -8.04 -12.19 -17.01
N THR B 248 -9.27 -12.70 -17.02
CA THR B 248 -10.23 -12.36 -18.05
C THR B 248 -11.32 -11.53 -17.42
N VAL B 249 -12.11 -10.84 -18.26
CA VAL B 249 -13.24 -10.06 -17.75
C VAL B 249 -14.11 -10.92 -16.84
N PRO B 250 -14.60 -12.09 -17.26
CA PRO B 250 -15.45 -12.90 -16.36
C PRO B 250 -14.73 -13.35 -15.10
N VAL B 251 -13.46 -13.71 -15.18
CA VAL B 251 -12.70 -14.06 -13.98
C VAL B 251 -12.62 -12.87 -13.04
N ILE B 252 -12.27 -11.70 -13.57
CA ILE B 252 -12.14 -10.49 -12.75
C ILE B 252 -13.48 -10.14 -12.09
N LYS B 253 -14.57 -10.17 -12.88
CA LYS B 253 -15.87 -9.80 -12.32
C LYS B 253 -16.27 -10.72 -11.18
N GLY B 254 -16.06 -12.03 -11.35
CA GLY B 254 -16.44 -12.96 -10.31
C GLY B 254 -15.63 -12.76 -9.04
N PHE B 255 -14.32 -12.50 -9.19
CA PHE B 255 -13.51 -12.27 -8.00
C PHE B 255 -13.87 -10.95 -7.35
N LEU B 256 -14.19 -9.92 -8.15
CA LEU B 256 -14.60 -8.65 -7.56
C LEU B 256 -15.92 -8.79 -6.81
N ARG B 257 -16.90 -9.47 -7.40
N ARG B 257 -16.90 -9.48 -7.41
CA ARG B 257 -18.15 -9.70 -6.70
CA ARG B 257 -18.17 -9.74 -6.72
C ARG B 257 -17.89 -10.34 -5.33
C ARG B 257 -17.90 -10.35 -5.35
N ASN B 258 -17.07 -11.40 -5.32
CA ASN B 258 -16.79 -12.07 -4.06
C ASN B 258 -15.97 -11.23 -3.10
N PHE B 259 -15.04 -10.40 -3.60
CA PHE B 259 -14.31 -9.48 -2.75
C PHE B 259 -15.27 -8.54 -2.01
N PHE B 260 -16.17 -7.91 -2.75
CA PHE B 260 -17.05 -6.91 -2.13
C PHE B 260 -18.03 -7.60 -1.19
N ALA B 261 -18.52 -8.78 -1.57
CA ALA B 261 -19.39 -9.54 -0.68
C ALA B 261 -18.66 -9.91 0.60
N TYR B 262 -17.40 -10.32 0.49
CA TYR B 262 -16.63 -10.71 1.66
C TYR B 262 -16.45 -9.53 2.62
N PHE B 263 -16.03 -8.37 2.11
CA PHE B 263 -15.82 -7.25 3.02
C PHE B 263 -17.11 -6.60 3.45
N ALA B 264 -18.22 -6.83 2.74
CA ALA B 264 -19.52 -6.40 3.23
C ALA B 264 -19.92 -7.13 4.51
N LYS B 265 -19.50 -8.39 4.67
CA LYS B 265 -19.96 -9.22 5.77
C LYS B 265 -18.85 -9.55 6.76
N PHE B 266 -17.68 -8.95 6.59
CA PHE B 266 -16.55 -9.19 7.47
C PHE B 266 -16.85 -8.65 8.86
N ASP B 267 -16.36 -9.35 9.89
CA ASP B 267 -16.62 -8.96 11.29
C ASP B 267 -15.41 -8.14 11.76
N TYR B 268 -15.51 -6.83 11.58
CA TYR B 268 -14.45 -5.89 11.94
C TYR B 268 -14.29 -5.71 13.44
N GLU B 269 -15.29 -6.13 14.25
N GLU B 269 -15.28 -6.15 14.22
CA GLU B 269 -15.12 -6.01 15.69
CA GLU B 269 -15.20 -6.02 15.67
C GLU B 269 -14.13 -7.01 16.23
C GLU B 269 -14.26 -7.04 16.28
N HIS B 270 -14.11 -8.22 15.65
CA HIS B 270 -13.29 -9.29 16.21
C HIS B 270 -12.10 -9.70 15.36
N PHE B 271 -12.08 -9.35 14.08
CA PHE B 271 -11.06 -9.87 13.18
C PHE B 271 -10.40 -8.70 12.45
N LEU B 272 -9.19 -8.95 12.00
CA LEU B 272 -8.44 -8.00 11.21
C LEU B 272 -8.05 -8.60 9.87
N VAL B 273 -7.85 -7.70 8.90
CA VAL B 273 -7.29 -8.06 7.61
C VAL B 273 -5.79 -8.23 7.81
N CYS B 274 -5.29 -9.43 7.54
CA CYS B 274 -3.96 -9.84 7.99
C CYS B 274 -3.20 -10.56 6.89
N PRO B 275 -2.69 -9.82 5.91
CA PRO B 275 -1.88 -10.49 4.87
C PRO B 275 -0.57 -11.11 5.37
N TYR B 276 -0.06 -10.73 6.55
CA TYR B 276 1.08 -11.44 7.11
C TYR B 276 0.76 -12.92 7.32
N ILE B 277 -0.34 -13.20 8.03
CA ILE B 277 -0.72 -14.56 8.36
C ILE B 277 -1.44 -15.23 7.18
N GLY B 278 -2.22 -14.46 6.43
CA GLY B 278 -2.85 -15.01 5.23
C GLY B 278 -3.82 -16.14 5.46
N GLN B 279 -4.46 -16.20 6.61
CA GLN B 279 -5.45 -17.21 6.91
C GLN B 279 -6.73 -16.53 7.37
N ALA B 280 -7.82 -17.28 7.30
CA ALA B 280 -9.13 -16.77 7.67
C ALA B 280 -9.20 -16.49 9.17
N ASN B 281 -10.04 -15.51 9.54
CA ASN B 281 -10.45 -15.30 10.93
C ASN B 281 -9.26 -15.10 11.86
N VAL B 282 -8.46 -14.08 11.55
CA VAL B 282 -7.34 -13.71 12.42
C VAL B 282 -7.89 -12.74 13.46
N GLU B 283 -7.86 -13.15 14.72
CA GLU B 283 -8.50 -12.40 15.79
C GLU B 283 -7.67 -11.22 16.27
N ILE B 284 -8.33 -10.07 16.41
CA ILE B 284 -7.71 -8.90 17.02
C ILE B 284 -7.12 -9.25 18.37
N ALA B 285 -7.85 -10.04 19.16
CA ALA B 285 -7.43 -10.42 20.50
C ALA B 285 -6.17 -11.26 20.53
N LYS B 286 -5.75 -11.82 19.39
CA LYS B 286 -4.63 -12.75 19.37
C LYS B 286 -3.45 -12.30 18.53
N ILE B 287 -3.60 -11.31 17.66
CA ILE B 287 -2.57 -11.10 16.64
C ILE B 287 -1.22 -10.76 17.27
N GLU B 288 -1.21 -9.99 18.36
CA GLU B 288 0.08 -9.54 18.88
C GLU B 288 0.91 -10.70 19.40
N ARG B 289 0.28 -11.83 19.73
CA ARG B 289 1.02 -13.01 20.15
C ARG B 289 1.39 -13.94 19.01
N MET B 290 0.99 -13.61 17.78
CA MET B 290 1.26 -14.44 16.61
C MET B 290 2.42 -13.93 15.76
N LEU B 291 3.12 -12.88 16.18
CA LEU B 291 4.14 -12.24 15.37
C LEU B 291 5.53 -12.71 15.77
N HIS B 292 6.52 -12.34 14.96
N HIS B 292 6.52 -12.36 14.96
CA HIS B 292 7.87 -12.78 15.28
CA HIS B 292 7.88 -12.76 15.28
C HIS B 292 8.37 -12.11 16.55
C HIS B 292 8.31 -12.16 16.61
N ALA B 293 9.35 -12.75 17.20
CA ALA B 293 9.83 -12.30 18.50
C ALA B 293 10.32 -10.86 18.48
N ARG B 294 10.75 -10.35 17.32
CA ARG B 294 11.24 -8.98 17.27
C ARG B 294 10.13 -7.99 17.53
N TYR B 295 8.90 -8.33 17.15
CA TYR B 295 7.77 -7.44 17.42
C TYR B 295 7.61 -7.22 18.92
N SER B 296 7.55 -8.31 19.69
CA SER B 296 7.38 -8.22 21.13
C SER B 296 8.52 -7.46 21.78
N ALA B 297 9.75 -7.70 21.32
CA ALA B 297 10.88 -6.95 21.85
C ALA B 297 10.81 -5.48 21.48
N TYR B 298 10.37 -5.18 20.25
CA TYR B 298 10.28 -3.80 19.82
C TYR B 298 9.25 -3.04 20.65
N VAL B 299 8.10 -3.66 20.90
CA VAL B 299 7.07 -2.96 21.66
C VAL B 299 7.53 -2.73 23.10
N SER B 300 8.27 -3.70 23.66
CA SER B 300 8.77 -3.54 25.03
C SER B 300 9.59 -2.26 25.19
N ASP B 301 10.46 -1.98 24.23
CA ASP B 301 11.29 -0.78 24.25
C ASP B 301 10.59 0.43 23.63
N ASN B 302 9.40 0.24 23.06
CA ASN B 302 8.64 1.32 22.45
C ASN B 302 7.17 1.06 22.75
N PRO B 303 6.79 1.10 24.02
CA PRO B 303 5.46 0.61 24.41
C PRO B 303 4.33 1.39 23.77
N GLU B 304 4.58 2.61 23.32
CA GLU B 304 3.53 3.41 22.68
C GLU B 304 3.50 3.20 21.17
N CYS B 305 4.20 2.19 20.67
CA CYS B 305 4.32 1.94 19.24
C CYS B 305 3.76 0.58 18.85
N SER B 306 2.88 0.01 19.66
CA SER B 306 2.23 -1.23 19.28
C SER B 306 1.11 -0.97 18.30
N ILE B 307 0.68 -2.03 17.61
CA ILE B 307 -0.38 -1.86 16.62
C ILE B 307 -1.65 -1.36 17.29
N GLN B 308 -2.29 -0.39 16.63
CA GLN B 308 -3.49 0.24 17.16
C GLN B 308 -4.70 -0.63 16.82
N LEU B 309 -5.11 -1.45 17.77
CA LEU B 309 -6.20 -2.39 17.58
C LEU B 309 -7.55 -1.90 18.09
N LYS B 310 -7.55 -0.87 18.94
CA LYS B 310 -8.81 -0.36 19.49
C LYS B 310 -9.40 0.67 18.54
N LYS B 311 -9.70 0.19 17.34
CA LYS B 311 -10.14 0.98 16.21
C LYS B 311 -11.23 0.25 15.44
N PRO B 312 -12.13 0.99 14.76
CA PRO B 312 -13.22 0.30 14.03
C PRO B 312 -12.70 -0.70 13.01
N MET B 313 -11.62 -0.38 12.31
CA MET B 313 -11.18 -1.18 11.17
C MET B 313 -9.69 -1.44 11.31
N VAL B 314 -9.30 -2.71 11.32
CA VAL B 314 -7.90 -3.10 11.50
C VAL B 314 -7.44 -3.84 10.25
N VAL B 315 -6.47 -3.25 9.56
CA VAL B 315 -5.82 -3.83 8.39
C VAL B 315 -4.33 -3.69 8.69
N GLN B 316 -3.65 -4.83 8.90
CA GLN B 316 -2.26 -4.81 9.36
C GLN B 316 -1.31 -4.84 8.16
N ASP B 317 -0.40 -3.88 8.13
CA ASP B 317 0.65 -3.92 7.12
C ASP B 317 1.42 -5.22 7.26
N PRO B 318 1.74 -5.89 6.15
CA PRO B 318 2.36 -7.21 6.26
C PRO B 318 3.85 -7.21 6.58
N ILE B 319 4.51 -6.05 6.51
CA ILE B 319 5.92 -5.89 6.86
C ILE B 319 6.08 -5.02 8.11
N GLN B 320 5.44 -3.84 8.14
CA GLN B 320 5.50 -2.96 9.29
C GLN B 320 4.37 -3.40 10.21
N LEU B 321 4.63 -4.47 10.96
CA LEU B 321 3.55 -5.19 11.65
C LEU B 321 2.90 -4.41 12.78
N ASN B 322 3.51 -3.31 13.23
CA ASN B 322 2.85 -2.45 14.21
C ASN B 322 1.92 -1.41 13.59
N HIS B 323 1.66 -1.47 12.28
CA HIS B 323 0.88 -0.42 11.63
C HIS B 323 -0.47 -0.94 11.16
N ASN B 324 -1.54 -0.42 11.79
CA ASN B 324 -2.91 -0.58 11.31
C ASN B 324 -3.14 0.52 10.29
N VAL B 325 -3.05 0.18 9.00
CA VAL B 325 -3.11 1.18 7.96
C VAL B 325 -4.47 1.87 7.88
N THR B 326 -5.54 1.27 8.43
CA THR B 326 -6.87 1.87 8.48
C THR B 326 -7.21 2.45 9.85
N LYS B 327 -6.20 2.79 10.65
CA LYS B 327 -6.42 3.32 11.98
C LYS B 327 -7.25 4.59 12.00
N ALA B 328 -7.33 5.34 10.90
CA ALA B 328 -8.10 6.59 10.91
C ALA B 328 -9.54 6.40 10.45
N VAL B 329 -9.94 5.19 10.06
CA VAL B 329 -11.31 4.94 9.63
C VAL B 329 -12.22 5.06 10.85
N THR B 330 -13.27 5.85 10.73
CA THR B 330 -14.22 6.06 11.80
C THR B 330 -15.32 5.01 11.77
N LYS B 331 -16.14 4.95 12.82
CA LYS B 331 -17.27 4.05 12.80
C LYS B 331 -18.18 4.34 11.61
N TYR B 332 -18.47 5.62 11.35
CA TYR B 332 -19.33 5.92 10.21
C TYR B 332 -18.62 5.67 8.89
N GLY B 333 -17.31 5.91 8.82
CA GLY B 333 -16.59 5.59 7.59
C GLY B 333 -16.61 4.11 7.28
N LEU B 334 -16.49 3.29 8.32
CA LEU B 334 -16.57 1.84 8.12
C LEU B 334 -17.96 1.42 7.69
N GLN B 335 -19.00 1.98 8.32
CA GLN B 335 -20.38 1.66 7.90
C GLN B 335 -20.55 2.01 6.43
N THR B 336 -20.06 3.18 6.03
CA THR B 336 -20.18 3.60 4.64
C THR B 336 -19.49 2.60 3.72
N PHE B 337 -18.25 2.25 4.04
CA PHE B 337 -17.51 1.29 3.22
C PHE B 337 -18.28 -0.03 3.12
N VAL B 338 -18.78 -0.52 4.26
CA VAL B 338 -19.50 -1.80 4.27
C VAL B 338 -20.75 -1.70 3.40
N ASP B 339 -21.52 -0.63 3.54
CA ASP B 339 -22.70 -0.43 2.74
C ASP B 339 -22.35 -0.34 1.27
N TYR B 340 -21.29 0.41 0.92
CA TYR B 340 -20.91 0.48 -0.49
C TYR B 340 -20.48 -0.87 -1.02
N CYS B 341 -19.75 -1.64 -0.21
CA CYS B 341 -19.39 -2.98 -0.60
C CYS B 341 -20.63 -3.83 -0.86
N GLN B 342 -21.61 -3.76 0.04
CA GLN B 342 -22.82 -4.56 -0.07
C GLN B 342 -23.54 -4.23 -1.38
N GLN B 343 -23.68 -2.93 -1.67
CA GLN B 343 -24.40 -2.54 -2.87
C GLN B 343 -23.60 -2.87 -4.12
N THR B 344 -22.27 -2.80 -4.06
CA THR B 344 -21.46 -3.15 -5.23
C THR B 344 -21.54 -4.64 -5.53
N ALA B 345 -21.45 -5.48 -4.50
CA ALA B 345 -21.61 -6.93 -4.72
C ALA B 345 -22.95 -7.22 -5.37
N GLU B 346 -24.00 -6.54 -4.93
CA GLU B 346 -25.33 -6.75 -5.49
C GLU B 346 -25.35 -6.43 -6.98
N LEU B 347 -24.70 -5.34 -7.37
CA LEU B 347 -24.72 -4.93 -8.76
C LEU B 347 -23.81 -5.76 -9.65
N LEU B 348 -22.88 -6.52 -9.09
CA LEU B 348 -22.00 -7.41 -9.84
C LEU B 348 -22.56 -8.82 -10.02
N GLU B 349 -23.72 -9.11 -9.45
CA GLU B 349 -24.36 -10.42 -9.58
C GLU B 349 -24.93 -10.60 -10.98
N GLU B 350 -25.15 -11.87 -11.34
CA GLU B 350 -25.78 -12.18 -12.62
C GLU B 350 -26.41 -13.57 -12.58
N PRO B 351 -27.55 -13.74 -11.89
CA PRO B 351 -28.26 -15.03 -11.76
C PRO B 351 -28.41 -15.79 -13.09
#